data_2OCY
#
_entry.id   2OCY
#
_cell.length_a   92.999
_cell.length_b   92.999
_cell.length_c   295.909
_cell.angle_alpha   90.00
_cell.angle_beta   90.00
_cell.angle_gamma   120.00
#
_symmetry.space_group_name_H-M   'P 61 2 2'
#
loop_
_entity.id
_entity.type
_entity.pdbx_description
1 polymer 'Rab guanine nucleotide exchange factor SEC2'
2 polymer 'Ras-related protein SEC4'
#
loop_
_entity_poly.entity_id
_entity_poly.type
_entity_poly.pdbx_seq_one_letter_code
_entity_poly.pdbx_strand_id
1 'polypeptide(L)'
;S(MSE)ALSTQLIESVDKQSHLEEQLNKSLKTIASQKAAIENYNQLKEDYNTLKRELSDRDDEVKRLREDIAKENELRTK
AEEEADKLNKEVEDLTASLFDEANN(MSE)VADARKEKYAIEILNKRLTEQLREKDTLLDTLTLQLKNLKKV(MSE)HSL
DNESTV
;
A,B
2 'polypeptide(L)'
;DSI(MSE)KILLIGDSGVGKSCLLVRFVEDKFNPSFITTIGIDFKIKTVDINGKKVKLQLWDTAGQERFRTITTAYYRGA
(MSE)GIILVYDVTDERTFTNIKQWFKTVNEHANDEAQLLLVGNKSD(MSE)ETRVVTADQGEALAKELGIPFIESSAKN
DDNVNEIFFTLAKLIQEKIDSN
;
C
#
# COMPACT_ATOMS: atom_id res chain seq x y z
N SER A 1 98.73 24.57 -43.59
CA SER A 1 98.68 25.50 -42.42
C SER A 1 97.24 25.86 -42.08
N MSE A 2 96.65 26.74 -42.89
CA MSE A 2 95.25 27.16 -42.72
C MSE A 2 94.38 26.11 -43.40
O MSE A 2 93.24 26.38 -43.77
CB MSE A 2 95.01 28.53 -43.38
CG MSE A 2 95.84 29.69 -42.84
SE MSE A 2 95.19 30.50 -41.19
CE MSE A 2 94.19 31.97 -41.95
N ALA A 3 94.95 24.92 -43.56
CA ALA A 3 94.26 23.81 -44.20
C ALA A 3 94.31 22.57 -43.32
N LEU A 4 95.48 22.25 -42.80
CA LEU A 4 95.62 21.09 -41.93
C LEU A 4 94.79 21.27 -40.68
N SER A 5 94.35 22.51 -40.45
CA SER A 5 93.51 22.82 -39.30
C SER A 5 92.18 22.17 -39.57
N THR A 6 91.60 22.49 -40.72
CA THR A 6 90.33 21.92 -41.13
C THR A 6 90.30 20.43 -40.81
N GLN A 7 91.30 19.70 -41.28
CA GLN A 7 91.35 18.29 -40.98
C GLN A 7 91.39 18.11 -39.48
N LEU A 8 92.22 18.92 -38.81
CA LEU A 8 92.36 18.85 -37.36
C LEU A 8 91.05 19.11 -36.63
N ILE A 9 90.42 20.23 -36.91
CA ILE A 9 89.15 20.58 -36.28
C ILE A 9 88.18 19.42 -36.44
N GLU A 10 87.80 19.14 -37.69
CA GLU A 10 86.88 18.07 -37.98
C GLU A 10 87.19 16.83 -37.14
N SER A 11 88.41 16.32 -37.28
CA SER A 11 88.81 15.12 -36.53
C SER A 11 88.35 15.21 -35.09
N VAL A 12 88.22 16.43 -34.60
CA VAL A 12 87.78 16.62 -33.23
C VAL A 12 86.25 16.63 -33.17
N ASP A 13 85.62 17.57 -33.87
CA ASP A 13 84.16 17.65 -33.89
C ASP A 13 83.57 16.27 -34.15
N LYS A 14 84.24 15.53 -35.02
CA LYS A 14 83.81 14.18 -35.35
C LYS A 14 84.01 13.33 -34.11
N GLN A 15 85.23 13.38 -33.57
CA GLN A 15 85.58 12.64 -32.38
C GLN A 15 84.51 12.88 -31.31
N SER A 16 84.14 14.15 -31.12
CA SER A 16 83.13 14.53 -30.16
C SER A 16 81.79 13.90 -30.53
N HIS A 17 81.38 14.10 -31.78
CA HIS A 17 80.13 13.54 -32.27
C HIS A 17 79.97 12.05 -31.96
N LEU A 18 81.03 11.43 -31.43
CA LEU A 18 80.99 10.03 -31.07
C LEU A 18 81.12 9.85 -29.59
N GLU A 19 81.90 10.71 -28.96
CA GLU A 19 82.06 10.64 -27.51
C GLU A 19 80.64 10.81 -27.01
N GLU A 20 79.94 11.76 -27.59
CA GLU A 20 78.55 12.04 -27.23
C GLU A 20 77.71 10.85 -27.69
N GLN A 21 77.59 10.71 -29.01
CA GLN A 21 76.84 9.61 -29.60
C GLN A 21 76.92 8.38 -28.72
N LEU A 22 78.13 7.92 -28.42
CA LEU A 22 78.27 6.75 -27.58
C LEU A 22 77.89 7.01 -26.14
N ASN A 23 78.28 8.15 -25.62
CA ASN A 23 77.96 8.46 -24.24
C ASN A 23 76.46 8.31 -24.01
N LYS A 24 75.66 8.65 -25.00
CA LYS A 24 74.20 8.52 -24.89
C LYS A 24 73.85 7.05 -24.74
N SER A 25 74.11 6.28 -25.78
CA SER A 25 73.83 4.85 -25.79
C SER A 25 74.26 4.22 -24.47
N LEU A 26 75.33 4.74 -23.91
CA LEU A 26 75.82 4.22 -22.64
C LEU A 26 74.74 4.25 -21.57
N LYS A 27 73.94 5.30 -21.58
CA LYS A 27 72.86 5.47 -20.62
C LYS A 27 71.76 4.48 -20.96
N THR A 28 71.35 4.53 -22.23
CA THR A 28 70.33 3.67 -22.76
C THR A 28 70.67 2.19 -22.62
N ILE A 29 71.45 1.83 -21.61
CA ILE A 29 71.78 0.42 -21.40
C ILE A 29 71.64 0.11 -19.93
N ALA A 30 72.02 1.08 -19.09
CA ALA A 30 71.95 0.92 -17.65
C ALA A 30 70.50 0.99 -17.21
N SER A 31 69.74 1.90 -17.80
CA SER A 31 68.33 2.03 -17.46
C SER A 31 67.66 0.82 -18.07
N GLN A 32 67.70 0.70 -19.39
CA GLN A 32 67.08 -0.42 -20.10
C GLN A 32 67.32 -1.72 -19.35
N LYS A 33 68.48 -1.82 -18.71
CA LYS A 33 68.85 -3.01 -17.95
C LYS A 33 68.00 -3.09 -16.69
N ALA A 34 68.14 -2.09 -15.82
CA ALA A 34 67.36 -2.04 -14.61
C ALA A 34 65.93 -2.39 -15.01
N ALA A 35 65.47 -1.78 -16.11
CA ALA A 35 64.14 -2.06 -16.60
C ALA A 35 63.93 -3.56 -16.74
N ILE A 36 64.63 -4.22 -17.66
CA ILE A 36 64.46 -5.66 -17.81
C ILE A 36 64.67 -6.40 -16.51
N GLU A 37 64.94 -5.68 -15.43
CA GLU A 37 65.11 -6.32 -14.13
C GLU A 37 63.79 -6.25 -13.36
N ASN A 38 63.00 -5.23 -13.67
CA ASN A 38 61.69 -5.04 -13.04
C ASN A 38 60.56 -5.46 -13.98
N TYR A 39 60.86 -6.36 -14.90
CA TYR A 39 59.86 -6.88 -15.83
C TYR A 39 59.18 -7.95 -15.00
N ASN A 40 59.97 -8.50 -14.10
CA ASN A 40 59.48 -9.54 -13.19
C ASN A 40 58.52 -8.87 -12.20
N GLN A 41 59.10 -8.15 -11.24
CA GLN A 41 58.32 -7.46 -10.22
C GLN A 41 57.20 -6.64 -10.81
N LEU A 42 57.28 -6.33 -12.10
CA LEU A 42 56.23 -5.55 -12.73
C LEU A 42 55.00 -6.43 -12.94
N LYS A 43 55.12 -7.39 -13.86
CA LYS A 43 54.02 -8.30 -14.17
C LYS A 43 53.16 -8.56 -12.95
N GLU A 44 53.84 -8.72 -11.81
CA GLU A 44 53.12 -8.96 -10.57
C GLU A 44 52.30 -7.75 -10.19
N ASP A 45 52.94 -6.59 -10.04
CA ASP A 45 52.18 -5.37 -9.69
C ASP A 45 51.09 -5.04 -10.73
N TYR A 46 51.16 -5.70 -11.89
CA TYR A 46 50.17 -5.51 -12.96
C TYR A 46 49.06 -6.50 -12.76
N ASN A 47 49.44 -7.76 -12.59
CA ASN A 47 48.45 -8.80 -12.35
C ASN A 47 47.81 -8.45 -11.00
N THR A 48 48.63 -8.00 -10.07
CA THR A 48 48.17 -7.62 -8.75
C THR A 48 47.29 -6.39 -8.89
N LEU A 49 47.03 -5.98 -10.14
CA LEU A 49 46.19 -4.83 -10.38
C LEU A 49 45.06 -5.24 -11.30
N LYS A 50 45.32 -6.27 -12.10
CA LYS A 50 44.33 -6.77 -13.04
C LYS A 50 43.16 -7.39 -12.25
N ARG A 51 43.33 -7.45 -10.93
CA ARG A 51 42.30 -7.98 -10.04
C ARG A 51 41.75 -6.78 -9.27
N GLU A 52 42.57 -6.23 -8.38
CA GLU A 52 42.16 -5.08 -7.60
C GLU A 52 41.20 -4.17 -8.40
N LEU A 53 41.41 -4.08 -9.70
CA LEU A 53 40.55 -3.25 -10.54
C LEU A 53 39.25 -3.99 -10.75
N SER A 54 39.35 -5.22 -11.22
CA SER A 54 38.20 -6.07 -11.45
C SER A 54 37.28 -6.02 -10.23
N ASP A 55 37.89 -6.20 -9.07
CA ASP A 55 37.15 -6.15 -7.82
C ASP A 55 36.27 -4.91 -7.84
N ARG A 56 36.88 -3.75 -8.00
CA ARG A 56 36.12 -2.52 -8.03
C ARG A 56 34.95 -2.66 -8.99
N ASP A 57 35.23 -3.13 -10.20
CA ASP A 57 34.18 -3.33 -11.18
C ASP A 57 33.00 -3.94 -10.44
N ASP A 58 33.17 -5.18 -9.98
CA ASP A 58 32.12 -5.88 -9.26
C ASP A 58 31.46 -5.03 -8.18
N GLU A 59 32.24 -4.29 -7.42
CA GLU A 59 31.67 -3.45 -6.38
C GLU A 59 30.70 -2.48 -7.03
N VAL A 60 31.21 -1.77 -8.02
CA VAL A 60 30.41 -0.80 -8.76
C VAL A 60 29.11 -1.38 -9.22
N LYS A 61 29.11 -2.67 -9.54
CA LYS A 61 27.87 -3.28 -9.98
C LYS A 61 26.96 -3.36 -8.80
N ARG A 62 27.24 -4.27 -7.87
CA ARG A 62 26.40 -4.43 -6.70
C ARG A 62 25.91 -3.09 -6.17
N LEU A 63 26.73 -2.07 -6.20
CA LEU A 63 26.26 -0.80 -5.71
C LEU A 63 25.00 -0.37 -6.46
N ARG A 64 25.01 -0.51 -7.78
CA ARG A 64 23.81 -0.18 -8.58
C ARG A 64 22.68 -1.13 -8.17
N GLU A 65 22.95 -2.42 -8.21
CA GLU A 65 21.92 -3.35 -7.81
C GLU A 65 21.31 -2.75 -6.55
N ASP A 66 22.14 -2.52 -5.55
CA ASP A 66 21.67 -2.01 -4.28
C ASP A 66 20.91 -0.70 -4.32
N ILE A 67 21.45 0.31 -4.98
CA ILE A 67 20.74 1.59 -5.03
C ILE A 67 19.39 1.26 -5.64
N ALA A 68 19.41 0.62 -6.80
CA ALA A 68 18.17 0.25 -7.45
C ALA A 68 17.24 -0.33 -6.37
N LYS A 69 17.51 -1.55 -5.93
CA LYS A 69 16.71 -2.20 -4.90
C LYS A 69 16.16 -1.17 -3.92
N GLU A 70 17.04 -0.30 -3.43
CA GLU A 70 16.60 0.69 -2.48
C GLU A 70 15.56 1.62 -3.04
N ASN A 71 15.74 2.03 -4.28
CA ASN A 71 14.80 2.92 -4.94
C ASN A 71 13.44 2.28 -5.14
N GLU A 72 13.41 0.97 -5.41
CA GLU A 72 12.15 0.25 -5.56
C GLU A 72 11.44 0.41 -4.22
N LEU A 73 12.03 -0.12 -3.16
CA LEU A 73 11.49 -0.02 -1.80
C LEU A 73 10.94 1.37 -1.45
N ARG A 74 11.71 2.40 -1.75
CA ARG A 74 11.31 3.76 -1.44
C ARG A 74 9.97 3.86 -2.07
N THR A 75 9.98 3.77 -3.39
CA THR A 75 8.79 3.82 -4.24
C THR A 75 7.58 3.06 -3.71
N LYS A 76 7.67 1.74 -3.59
CA LYS A 76 6.54 1.00 -3.06
C LYS A 76 5.92 1.78 -1.90
N ALA A 77 6.76 2.16 -0.95
CA ALA A 77 6.33 2.90 0.25
C ALA A 77 5.92 4.34 -0.02
N GLU A 78 6.55 4.94 -1.02
CA GLU A 78 6.27 6.31 -1.38
C GLU A 78 4.94 6.34 -2.10
N GLU A 79 4.51 5.18 -2.55
CA GLU A 79 3.26 5.14 -3.27
C GLU A 79 2.28 4.22 -2.57
N GLU A 80 2.64 3.82 -1.36
CA GLU A 80 1.76 2.99 -0.55
C GLU A 80 0.87 4.01 0.11
N ALA A 81 1.44 5.17 0.38
CA ALA A 81 0.74 6.27 1.04
C ALA A 81 -0.02 7.12 0.05
N ASP A 82 0.46 7.19 -1.18
CA ASP A 82 -0.25 7.96 -2.18
C ASP A 82 -1.60 7.27 -2.30
N LYS A 83 -1.57 5.99 -2.62
CA LYS A 83 -2.78 5.19 -2.78
C LYS A 83 -3.73 5.28 -1.60
N LEU A 84 -3.18 5.17 -0.39
CA LEU A 84 -4.01 5.24 0.80
C LEU A 84 -4.78 6.54 0.78
N ASN A 85 -4.07 7.67 0.88
CA ASN A 85 -4.73 8.97 0.87
C ASN A 85 -5.78 9.04 -0.23
N LYS A 86 -5.39 8.63 -1.41
CA LYS A 86 -6.29 8.63 -2.55
C LYS A 86 -7.54 7.81 -2.20
N GLU A 87 -7.32 6.69 -1.53
CA GLU A 87 -8.38 5.77 -1.13
C GLU A 87 -9.29 6.37 -0.04
N VAL A 88 -8.75 7.26 0.76
CA VAL A 88 -9.52 7.86 1.84
C VAL A 88 -10.41 8.95 1.27
N GLU A 89 -9.88 9.73 0.34
CA GLU A 89 -10.69 10.76 -0.25
C GLU A 89 -11.95 10.10 -0.79
N ASP A 90 -11.79 9.00 -1.51
CA ASP A 90 -12.94 8.29 -2.08
C ASP A 90 -13.91 7.90 -0.95
N LEU A 91 -13.58 6.84 -0.22
CA LEU A 91 -14.42 6.39 0.87
C LEU A 91 -15.20 7.54 1.49
N THR A 92 -14.48 8.55 1.94
CA THR A 92 -15.11 9.71 2.51
C THR A 92 -16.22 10.23 1.60
N ALA A 93 -15.82 10.79 0.46
CA ALA A 93 -16.75 11.36 -0.51
C ALA A 93 -17.88 10.41 -0.92
N SER A 94 -17.65 9.12 -0.89
CA SER A 94 -18.73 8.23 -1.26
C SER A 94 -19.65 8.06 -0.04
N LEU A 95 -19.07 7.55 1.04
CA LEU A 95 -19.78 7.31 2.28
C LEU A 95 -20.79 8.39 2.57
N PHE A 96 -20.32 9.61 2.72
CA PHE A 96 -21.24 10.69 3.01
C PHE A 96 -22.28 10.81 1.94
N ASP A 97 -21.88 11.04 0.69
CA ASP A 97 -22.88 11.18 -0.37
C ASP A 97 -23.97 10.13 -0.29
N GLU A 98 -23.60 8.87 -0.17
CA GLU A 98 -24.63 7.86 -0.07
C GLU A 98 -25.37 8.03 1.25
N ALA A 99 -24.68 8.47 2.28
CA ALA A 99 -25.34 8.67 3.55
C ALA A 99 -26.34 9.77 3.27
N ASN A 100 -25.82 10.92 2.88
CA ASN A 100 -26.63 12.09 2.58
C ASN A 100 -27.86 11.72 1.75
N ASN A 101 -27.69 10.86 0.76
CA ASN A 101 -28.84 10.47 -0.05
C ASN A 101 -29.84 9.66 0.79
N MSE A 102 -29.37 8.64 1.47
CA MSE A 102 -30.26 7.83 2.31
C MSE A 102 -31.10 8.73 3.20
O MSE A 102 -32.31 8.56 3.31
CB MSE A 102 -29.44 6.86 3.19
CG MSE A 102 -28.50 5.95 2.42
SE MSE A 102 -27.81 4.57 3.54
CE MSE A 102 -28.89 3.08 2.93
N VAL A 103 -30.46 9.69 3.87
CA VAL A 103 -31.15 10.59 4.76
C VAL A 103 -32.22 11.36 4.03
N ALA A 104 -31.95 11.82 2.82
CA ALA A 104 -32.97 12.54 2.08
C ALA A 104 -34.18 11.63 1.95
N ASP A 105 -34.06 10.65 1.06
CA ASP A 105 -35.12 9.69 0.81
C ASP A 105 -36.05 9.40 2.00
N ALA A 106 -35.56 9.45 3.23
CA ALA A 106 -36.45 9.21 4.35
C ALA A 106 -37.27 10.47 4.47
N ARG A 107 -36.59 11.57 4.81
CA ARG A 107 -37.23 12.87 4.93
C ARG A 107 -38.31 13.03 3.87
N LYS A 108 -38.01 12.56 2.66
CA LYS A 108 -38.98 12.63 1.58
C LYS A 108 -40.13 11.68 1.93
N GLU A 109 -39.80 10.42 2.13
CA GLU A 109 -40.82 9.43 2.46
C GLU A 109 -41.57 9.88 3.71
N LYS A 110 -40.86 10.46 4.67
CA LYS A 110 -41.45 10.90 5.91
C LYS A 110 -42.44 12.01 5.69
N TYR A 111 -42.10 12.93 4.81
CA TYR A 111 -42.97 14.08 4.50
C TYR A 111 -44.33 13.63 3.93
N ALA A 112 -44.31 12.54 3.16
CA ALA A 112 -45.54 12.00 2.58
C ALA A 112 -46.45 11.72 3.75
N ILE A 113 -46.20 10.61 4.43
CA ILE A 113 -47.00 10.23 5.59
C ILE A 113 -47.18 11.43 6.51
N GLU A 114 -46.17 12.31 6.55
CA GLU A 114 -46.25 13.52 7.39
C GLU A 114 -47.58 14.20 7.07
N ILE A 115 -47.95 14.14 5.79
CA ILE A 115 -49.19 14.71 5.28
C ILE A 115 -50.41 13.88 5.65
N LEU A 116 -50.41 12.60 5.30
CA LEU A 116 -51.54 11.72 5.61
C LEU A 116 -51.96 11.81 7.08
N ASN A 117 -51.00 12.04 7.95
CA ASN A 117 -51.31 12.16 9.36
C ASN A 117 -51.86 13.56 9.64
N LYS A 118 -52.49 14.13 8.61
CA LYS A 118 -53.10 15.44 8.67
C LYS A 118 -54.43 15.26 7.94
N ARG A 119 -54.37 14.60 6.78
CA ARG A 119 -55.57 14.31 6.01
C ARG A 119 -56.48 13.42 6.84
N LEU A 120 -55.99 12.98 7.99
CA LEU A 120 -56.80 12.13 8.84
C LEU A 120 -56.92 12.75 10.22
N THR A 121 -55.85 13.37 10.71
CA THR A 121 -55.91 14.01 12.02
C THR A 121 -57.04 15.02 11.88
N GLU A 122 -57.48 15.17 10.63
CA GLU A 122 -58.56 16.07 10.22
C GLU A 122 -59.81 15.20 10.12
N GLN A 123 -59.87 14.40 9.05
CA GLN A 123 -60.98 13.48 8.79
C GLN A 123 -61.53 12.87 10.08
N LEU A 124 -60.67 12.80 11.09
CA LEU A 124 -61.01 12.25 12.40
C LEU A 124 -61.87 13.22 13.18
N ARG A 125 -61.27 14.33 13.61
CA ARG A 125 -61.97 15.35 14.38
C ARG A 125 -63.28 15.71 13.69
N GLU A 126 -63.31 15.56 12.36
CA GLU A 126 -64.49 15.85 11.58
C GLU A 126 -65.62 14.94 12.04
N LYS A 127 -65.43 13.63 11.90
CA LYS A 127 -66.44 12.68 12.33
C LYS A 127 -66.70 12.75 13.82
N ASP A 128 -65.75 13.27 14.58
CA ASP A 128 -65.94 13.39 16.03
C ASP A 128 -67.21 14.19 16.30
N THR A 129 -67.39 15.26 15.54
CA THR A 129 -68.55 16.12 15.66
C THR A 129 -69.76 15.53 14.95
N LEU A 130 -69.54 14.86 13.81
CA LEU A 130 -70.64 14.24 13.10
C LEU A 130 -71.19 13.13 13.99
N LEU A 131 -70.54 12.93 15.13
CA LEU A 131 -70.97 11.93 16.08
C LEU A 131 -72.05 12.54 16.95
N ASP A 132 -71.62 13.45 17.81
CA ASP A 132 -72.49 14.14 18.74
C ASP A 132 -73.92 14.35 18.21
N THR A 133 -74.02 14.85 16.99
CA THR A 133 -75.34 15.07 16.39
C THR A 133 -76.13 13.78 16.41
N LEU A 134 -75.53 12.70 15.94
CA LEU A 134 -76.18 11.40 15.94
C LEU A 134 -76.39 10.96 17.39
N THR A 135 -75.42 11.31 18.23
CA THR A 135 -75.48 10.96 19.66
C THR A 135 -76.68 11.66 20.28
N LEU A 136 -76.94 12.88 19.83
CA LEU A 136 -78.06 13.66 20.34
C LEU A 136 -79.38 13.20 19.73
N GLN A 137 -79.39 13.00 18.42
CA GLN A 137 -80.59 12.53 17.74
C GLN A 137 -81.17 11.31 18.45
N LEU A 138 -80.46 10.82 19.45
CA LEU A 138 -80.94 9.68 20.21
C LEU A 138 -81.69 10.23 21.41
N LYS A 139 -80.94 10.69 22.42
CA LYS A 139 -81.54 11.23 23.64
C LYS A 139 -82.83 11.95 23.31
N ASN A 140 -82.84 12.60 22.15
CA ASN A 140 -84.00 13.35 21.67
C ASN A 140 -85.07 12.45 21.09
N LEU A 141 -84.68 11.48 20.26
CA LEU A 141 -85.65 10.57 19.67
C LEU A 141 -85.97 9.45 20.66
N LYS A 142 -85.38 9.54 21.84
CA LYS A 142 -85.63 8.56 22.91
C LYS A 142 -86.74 9.14 23.78
N LYS A 143 -86.78 10.47 23.88
CA LYS A 143 -87.81 11.16 24.66
C LYS A 143 -89.12 11.08 23.90
N VAL A 144 -89.05 11.26 22.58
CA VAL A 144 -90.22 11.19 21.71
C VAL A 144 -90.65 9.72 21.66
N MSE A 145 -90.10 8.93 22.58
CA MSE A 145 -90.42 7.53 22.70
C MSE A 145 -91.05 7.29 24.06
O MSE A 145 -91.65 6.25 24.31
CB MSE A 145 -89.16 6.68 22.55
CG MSE A 145 -89.45 5.22 22.31
SE MSE A 145 -90.28 5.00 20.59
CE MSE A 145 -88.67 4.67 19.55
N HIS A 146 -90.87 8.27 24.95
CA HIS A 146 -91.43 8.21 26.28
C HIS A 146 -92.68 9.09 26.33
N SER A 147 -93.45 9.06 25.24
CA SER A 147 -94.66 9.84 25.12
C SER A 147 -95.83 9.26 25.90
N LEU A 148 -96.17 8.00 25.63
CA LEU A 148 -97.28 7.34 26.32
C LEU A 148 -96.94 7.12 27.79
N ASP A 149 -97.54 7.93 28.65
CA ASP A 149 -97.32 7.85 30.09
C ASP A 149 -98.16 6.73 30.70
N SER B 1 103.06 21.99 -39.55
CA SER B 1 103.81 21.88 -38.27
C SER B 1 103.58 20.54 -37.58
N MSE B 2 104.64 19.99 -37.01
CA MSE B 2 104.58 18.70 -36.34
C MSE B 2 103.72 18.78 -35.10
O MSE B 2 103.34 17.77 -34.52
CB MSE B 2 105.97 18.22 -35.94
CG MSE B 2 106.96 18.26 -37.08
SE MSE B 2 107.96 16.64 -37.15
CE MSE B 2 108.57 16.63 -35.32
N ALA B 3 103.44 20.01 -34.69
CA ALA B 3 102.64 20.27 -33.50
C ALA B 3 101.26 19.68 -33.65
N LEU B 4 100.44 20.33 -34.45
CA LEU B 4 99.09 19.86 -34.67
C LEU B 4 99.10 18.46 -35.27
N SER B 5 99.87 18.26 -36.33
CA SER B 5 99.96 16.95 -36.95
C SER B 5 99.83 15.82 -35.93
N THR B 6 100.64 15.85 -34.88
CA THR B 6 100.55 14.81 -33.85
C THR B 6 99.14 14.79 -33.25
N GLN B 7 98.68 15.95 -32.83
CA GLN B 7 97.35 16.11 -32.25
C GLN B 7 96.34 15.36 -33.12
N LEU B 8 96.22 15.77 -34.38
CA LEU B 8 95.32 15.13 -35.33
C LEU B 8 95.53 13.63 -35.26
N ILE B 9 96.78 13.20 -35.35
CA ILE B 9 97.09 11.78 -35.27
C ILE B 9 96.44 11.14 -34.03
N GLU B 10 96.52 11.85 -32.91
CA GLU B 10 95.95 11.41 -31.64
C GLU B 10 94.42 11.50 -31.64
N SER B 11 93.88 12.60 -32.18
CA SER B 11 92.44 12.84 -32.27
C SER B 11 91.82 11.92 -33.31
N VAL B 12 92.61 10.95 -33.74
CA VAL B 12 92.16 10.00 -34.73
C VAL B 12 92.35 8.65 -34.12
N ASP B 13 93.15 8.58 -33.06
CA ASP B 13 93.37 7.29 -32.42
C ASP B 13 92.21 7.10 -31.46
N LYS B 14 91.99 8.11 -30.63
CA LYS B 14 90.92 8.11 -29.63
C LYS B 14 89.60 7.95 -30.35
N GLN B 15 89.47 8.68 -31.45
CA GLN B 15 88.28 8.60 -32.28
C GLN B 15 88.05 7.13 -32.54
N SER B 16 88.95 6.54 -33.31
CA SER B 16 88.84 5.13 -33.65
C SER B 16 88.49 4.25 -32.45
N HIS B 17 89.10 4.53 -31.30
CA HIS B 17 88.81 3.74 -30.10
C HIS B 17 87.31 3.75 -29.81
N LEU B 18 86.70 4.92 -29.87
CA LEU B 18 85.27 5.05 -29.62
C LEU B 18 84.50 4.10 -30.53
N GLU B 19 84.62 4.27 -31.85
CA GLU B 19 83.92 3.41 -32.79
C GLU B 19 83.94 1.97 -32.30
N GLU B 20 85.05 1.58 -31.67
CA GLU B 20 85.22 0.23 -31.15
C GLU B 20 84.25 -0.05 -30.01
N GLN B 21 84.41 0.68 -28.91
CA GLN B 21 83.52 0.51 -27.75
C GLN B 21 82.07 0.71 -28.13
N LEU B 22 81.76 1.89 -28.69
CA LEU B 22 80.40 2.19 -29.13
C LEU B 22 79.87 1.00 -29.90
N ASN B 23 80.62 0.53 -30.89
CA ASN B 23 80.20 -0.62 -31.69
C ASN B 23 79.75 -1.79 -30.81
N LYS B 24 80.33 -1.91 -29.63
CA LYS B 24 79.97 -3.00 -28.73
C LYS B 24 78.75 -2.63 -27.92
N SER B 25 78.84 -1.54 -27.16
CA SER B 25 77.72 -1.13 -26.35
C SER B 25 76.47 -0.98 -27.22
N LEU B 26 76.61 -0.36 -28.38
CA LEU B 26 75.47 -0.20 -29.25
C LEU B 26 75.02 -1.56 -29.75
N LYS B 27 75.89 -2.55 -29.63
CA LYS B 27 75.55 -3.90 -30.07
C LYS B 27 74.77 -4.61 -28.96
N THR B 28 74.92 -4.12 -27.75
CA THR B 28 74.21 -4.68 -26.61
C THR B 28 72.75 -4.19 -26.60
N ILE B 29 72.52 -2.95 -26.97
CA ILE B 29 71.16 -2.46 -26.99
C ILE B 29 70.36 -3.28 -28.02
N ALA B 30 71.02 -3.66 -29.10
CA ALA B 30 70.38 -4.44 -30.15
C ALA B 30 69.95 -5.81 -29.65
N SER B 31 70.53 -6.22 -28.54
CA SER B 31 70.19 -7.52 -27.96
C SER B 31 68.97 -7.36 -27.07
N GLN B 32 68.98 -6.29 -26.29
CA GLN B 32 67.88 -6.01 -25.38
C GLN B 32 66.64 -5.48 -26.09
N LYS B 33 66.75 -5.11 -27.36
CA LYS B 33 65.60 -4.53 -28.05
C LYS B 33 64.25 -5.15 -27.73
N ALA B 34 63.92 -6.26 -28.39
CA ALA B 34 62.63 -6.90 -28.14
C ALA B 34 62.37 -7.00 -26.64
N ALA B 35 63.28 -7.62 -25.91
CA ALA B 35 63.13 -7.78 -24.47
C ALA B 35 62.62 -6.51 -23.79
N ILE B 36 63.04 -5.34 -24.29
CA ILE B 36 62.58 -4.09 -23.69
C ILE B 36 61.28 -3.68 -24.38
N GLU B 37 61.20 -3.88 -25.69
CA GLU B 37 59.99 -3.53 -26.41
C GLU B 37 58.79 -4.12 -25.69
N ASN B 38 58.98 -5.34 -25.18
CA ASN B 38 57.93 -6.07 -24.47
C ASN B 38 57.93 -5.85 -22.96
N TYR B 39 58.48 -4.73 -22.54
CA TYR B 39 58.48 -4.37 -21.13
C TYR B 39 57.71 -3.05 -21.13
N ASN B 40 57.97 -2.25 -22.16
CA ASN B 40 57.30 -0.97 -22.30
C ASN B 40 55.82 -1.25 -22.51
N GLN B 41 55.52 -2.19 -23.41
CA GLN B 41 54.14 -2.53 -23.68
C GLN B 41 53.49 -2.74 -22.32
N LEU B 42 54.02 -3.70 -21.57
CA LEU B 42 53.50 -3.99 -20.23
C LEU B 42 53.35 -2.65 -19.52
N LYS B 43 54.46 -1.94 -19.38
CA LYS B 43 54.46 -0.63 -18.74
C LYS B 43 53.30 0.22 -19.25
N GLU B 44 53.12 0.27 -20.57
CA GLU B 44 52.01 1.05 -21.13
C GLU B 44 50.70 0.54 -20.58
N ASP B 45 50.47 -0.77 -20.70
CA ASP B 45 49.25 -1.37 -20.19
C ASP B 45 49.12 -1.04 -18.71
N TYR B 46 50.06 -1.53 -17.92
CA TYR B 46 50.03 -1.26 -16.49
C TYR B 46 49.58 0.18 -16.21
N ASN B 47 50.10 1.14 -16.95
CA ASN B 47 49.69 2.52 -16.70
C ASN B 47 48.23 2.73 -17.04
N THR B 48 47.85 2.40 -18.27
CA THR B 48 46.48 2.56 -18.71
C THR B 48 45.57 1.97 -17.63
N LEU B 49 45.85 0.73 -17.25
CA LEU B 49 45.06 0.06 -16.22
C LEU B 49 44.98 0.96 -15.00
N LYS B 50 46.14 1.44 -14.56
CA LYS B 50 46.22 2.30 -13.38
C LYS B 50 45.20 3.44 -13.45
N ARG B 51 44.88 3.90 -14.65
CA ARG B 51 43.92 4.99 -14.81
C ARG B 51 42.46 4.53 -14.68
N GLU B 52 42.07 3.53 -15.47
CA GLU B 52 40.70 3.05 -15.36
C GLU B 52 40.35 2.81 -13.89
N LEU B 53 41.30 2.25 -13.15
CA LEU B 53 41.07 1.97 -11.75
C LEU B 53 40.97 3.27 -10.98
N SER B 54 41.84 4.20 -11.32
CA SER B 54 41.84 5.48 -10.63
C SER B 54 40.51 6.15 -10.83
N ASP B 55 39.73 5.63 -11.79
CA ASP B 55 38.42 6.15 -12.14
C ASP B 55 37.30 5.37 -11.50
N ARG B 56 37.34 4.05 -11.68
CA ARG B 56 36.33 3.20 -11.09
C ARG B 56 36.23 3.57 -9.61
N ASP B 57 37.35 3.89 -8.99
CA ASP B 57 37.37 4.24 -7.57
C ASP B 57 36.60 5.52 -7.27
N ASP B 58 36.86 6.54 -8.07
CA ASP B 58 36.17 7.81 -7.91
C ASP B 58 34.67 7.48 -8.00
N GLU B 59 34.31 6.66 -8.99
CA GLU B 59 32.94 6.24 -9.23
C GLU B 59 32.34 5.52 -8.01
N VAL B 60 33.05 4.52 -7.48
CA VAL B 60 32.58 3.78 -6.32
C VAL B 60 32.32 4.73 -5.18
N LYS B 61 33.14 5.76 -5.07
CA LYS B 61 32.96 6.73 -4.01
C LYS B 61 31.66 7.44 -4.28
N ARG B 62 31.46 7.79 -5.55
CA ARG B 62 30.26 8.47 -6.01
C ARG B 62 28.96 7.68 -5.76
N LEU B 63 28.99 6.37 -5.96
CA LEU B 63 27.78 5.59 -5.74
C LEU B 63 27.46 5.44 -4.27
N ARG B 64 28.48 5.23 -3.45
CA ARG B 64 28.25 5.08 -2.02
C ARG B 64 27.45 6.30 -1.61
N GLU B 65 27.85 7.45 -2.14
CA GLU B 65 27.15 8.68 -1.84
C GLU B 65 25.69 8.47 -2.21
N ASP B 66 25.41 8.32 -3.50
CA ASP B 66 24.06 8.15 -3.98
C ASP B 66 23.24 7.06 -3.30
N ILE B 67 23.84 5.92 -2.98
CA ILE B 67 23.07 4.86 -2.33
C ILE B 67 22.81 5.21 -0.90
N ALA B 68 23.54 6.18 -0.38
CA ALA B 68 23.36 6.58 1.00
C ALA B 68 22.19 7.54 1.12
N LYS B 69 21.97 8.34 0.08
CA LYS B 69 20.87 9.28 0.07
C LYS B 69 19.59 8.47 -0.05
N GLU B 70 19.50 7.74 -1.15
CA GLU B 70 18.36 6.89 -1.45
C GLU B 70 17.86 6.18 -0.21
N ASN B 71 18.78 5.69 0.61
CA ASN B 71 18.36 4.98 1.82
C ASN B 71 17.78 5.95 2.84
N GLU B 72 18.44 7.09 3.01
CA GLU B 72 17.95 8.07 3.97
C GLU B 72 16.65 8.69 3.48
N LEU B 73 16.12 8.13 2.40
CA LEU B 73 14.86 8.60 1.81
C LEU B 73 13.84 7.48 1.83
N ARG B 74 14.26 6.28 1.44
CA ARG B 74 13.35 5.15 1.44
C ARG B 74 12.88 4.99 2.86
N THR B 75 13.77 5.32 3.77
CA THR B 75 13.48 5.19 5.17
C THR B 75 12.40 6.21 5.57
N LYS B 76 12.55 7.46 5.17
CA LYS B 76 11.54 8.46 5.52
C LYS B 76 10.19 8.12 4.84
N ALA B 77 10.25 7.69 3.59
CA ALA B 77 9.04 7.33 2.87
C ALA B 77 8.38 6.26 3.69
N GLU B 78 9.08 5.14 3.87
CA GLU B 78 8.51 4.05 4.63
C GLU B 78 7.93 4.58 5.92
N GLU B 79 8.48 5.69 6.41
CA GLU B 79 8.05 6.27 7.68
C GLU B 79 6.66 6.91 7.61
N GLU B 80 6.54 7.96 6.79
CA GLU B 80 5.25 8.64 6.63
C GLU B 80 4.24 7.58 6.25
N ALA B 81 4.63 6.72 5.32
CA ALA B 81 3.74 5.65 4.88
C ALA B 81 3.11 4.93 6.05
N ASP B 82 3.81 4.86 7.17
CA ASP B 82 3.29 4.16 8.34
C ASP B 82 2.67 5.13 9.32
N LYS B 83 3.39 6.20 9.62
CA LYS B 83 2.88 7.20 10.56
C LYS B 83 1.47 7.58 10.15
N LEU B 84 1.27 7.64 8.85
CA LEU B 84 -0.01 8.00 8.25
C LEU B 84 -0.88 6.77 7.95
N ASN B 85 -0.45 5.61 8.41
CA ASN B 85 -1.22 4.41 8.19
C ASN B 85 -1.81 4.04 9.52
N LYS B 86 -1.39 4.78 10.55
CA LYS B 86 -1.90 4.57 11.91
C LYS B 86 -3.15 5.41 12.04
N GLU B 87 -2.99 6.70 11.75
CA GLU B 87 -4.09 7.66 11.83
C GLU B 87 -5.36 7.17 11.13
N VAL B 88 -5.20 6.29 10.15
CA VAL B 88 -6.32 5.74 9.39
C VAL B 88 -7.34 4.99 10.23
N GLU B 89 -6.87 3.98 10.95
CA GLU B 89 -7.72 3.15 11.78
C GLU B 89 -8.84 3.97 12.43
N ASP B 90 -8.46 5.17 12.88
CA ASP B 90 -9.39 6.09 13.52
C ASP B 90 -10.28 6.77 12.49
N LEU B 91 -9.72 7.73 11.78
CA LEU B 91 -10.47 8.47 10.77
C LEU B 91 -11.72 7.74 10.31
N THR B 92 -11.52 6.63 9.61
CA THR B 92 -12.61 5.82 9.09
C THR B 92 -13.68 5.43 10.11
N ALA B 93 -13.29 5.33 11.37
CA ALA B 93 -14.26 4.99 12.41
C ALA B 93 -15.25 6.15 12.46
N SER B 94 -14.72 7.34 12.68
CA SER B 94 -15.55 8.53 12.73
C SER B 94 -16.37 8.61 11.44
N LEU B 95 -15.68 8.67 10.32
CA LEU B 95 -16.34 8.72 9.02
C LEU B 95 -17.55 7.81 9.07
N PHE B 96 -17.37 6.57 9.51
CA PHE B 96 -18.50 5.67 9.58
C PHE B 96 -19.45 5.94 10.73
N ASP B 97 -18.97 6.40 11.87
CA ASP B 97 -19.91 6.64 12.95
C ASP B 97 -20.87 7.74 12.59
N GLU B 98 -20.34 8.94 12.35
CA GLU B 98 -21.19 10.07 12.02
C GLU B 98 -22.17 9.67 10.93
N ALA B 99 -21.68 9.19 9.80
CA ALA B 99 -22.55 8.74 8.74
C ALA B 99 -23.69 7.89 9.32
N ASN B 100 -23.39 6.64 9.67
CA ASN B 100 -24.40 5.74 10.25
C ASN B 100 -25.47 6.49 11.04
N ASN B 101 -25.07 7.10 12.15
CA ASN B 101 -25.99 7.86 13.01
C ASN B 101 -26.81 8.80 12.16
N MSE B 102 -26.13 9.74 11.50
CA MSE B 102 -26.75 10.66 10.59
C MSE B 102 -27.98 9.97 9.97
O MSE B 102 -29.12 10.38 10.20
CB MSE B 102 -25.72 11.02 9.51
CG MSE B 102 -26.21 11.83 8.34
SE MSE B 102 -24.71 12.30 7.19
CE MSE B 102 -24.69 14.20 7.46
N VAL B 103 -27.74 8.91 9.21
CA VAL B 103 -28.83 8.15 8.59
C VAL B 103 -29.82 7.75 9.66
N ALA B 104 -29.42 6.80 10.50
CA ALA B 104 -30.25 6.31 11.60
C ALA B 104 -31.21 7.35 12.13
N ASP B 105 -30.66 8.49 12.56
CA ASP B 105 -31.49 9.58 13.08
C ASP B 105 -32.64 9.85 12.13
N ALA B 106 -32.34 10.23 10.90
CA ALA B 106 -33.40 10.48 9.93
C ALA B 106 -34.42 9.33 9.90
N ARG B 107 -33.92 8.13 9.72
CA ARG B 107 -34.77 6.96 9.63
C ARG B 107 -35.71 6.79 10.81
N LYS B 108 -35.29 7.25 11.98
CA LYS B 108 -36.13 7.14 13.14
C LYS B 108 -37.22 8.21 13.02
N GLU B 109 -36.81 9.43 12.66
CA GLU B 109 -37.76 10.51 12.52
C GLU B 109 -38.88 10.14 11.54
N LYS B 110 -38.65 9.10 10.73
CA LYS B 110 -39.71 8.70 9.84
C LYS B 110 -40.52 7.69 10.62
N TYR B 111 -39.82 6.77 11.25
CA TYR B 111 -40.48 5.74 12.06
C TYR B 111 -41.51 6.36 12.99
N ALA B 112 -41.07 7.34 13.79
CA ALA B 112 -41.98 8.01 14.73
C ALA B 112 -43.28 8.31 14.00
N ILE B 113 -43.19 9.13 12.96
CA ILE B 113 -44.37 9.44 12.18
C ILE B 113 -45.06 8.14 11.80
N GLU B 114 -44.33 7.27 11.11
CA GLU B 114 -44.86 5.98 10.68
C GLU B 114 -45.84 5.40 11.69
N ILE B 115 -45.49 5.50 12.97
CA ILE B 115 -46.31 4.99 14.07
C ILE B 115 -47.62 5.75 14.19
N LEU B 116 -47.52 7.07 14.44
CA LEU B 116 -48.67 7.95 14.59
C LEU B 116 -49.71 7.74 13.50
N ASN B 117 -49.25 7.44 12.30
CA ASN B 117 -50.16 7.20 11.22
C ASN B 117 -50.98 5.97 11.57
N LYS B 118 -50.30 4.84 11.75
CA LYS B 118 -50.97 3.58 12.11
C LYS B 118 -51.99 3.85 13.22
N ARG B 119 -51.61 4.73 14.14
CA ARG B 119 -52.48 5.08 15.25
C ARG B 119 -53.75 5.70 14.73
N LEU B 120 -53.67 6.94 14.23
CA LEU B 120 -54.83 7.63 13.70
C LEU B 120 -55.62 6.71 12.80
N THR B 121 -54.93 5.97 11.94
CA THR B 121 -55.58 5.05 11.02
C THR B 121 -56.59 4.13 11.70
N GLU B 122 -56.28 3.74 12.92
CA GLU B 122 -57.17 2.86 13.68
C GLU B 122 -57.98 3.69 14.68
N GLN B 123 -57.35 4.74 15.20
CA GLN B 123 -58.01 5.64 16.14
C GLN B 123 -59.20 6.19 15.38
N LEU B 124 -59.19 5.93 14.07
CA LEU B 124 -60.25 6.34 13.15
C LEU B 124 -61.22 5.19 13.06
N ARG B 125 -60.72 4.08 12.54
CA ARG B 125 -61.51 2.86 12.41
C ARG B 125 -62.48 2.72 13.58
N GLU B 126 -61.98 2.95 14.79
CA GLU B 126 -62.83 2.84 15.97
C GLU B 126 -64.03 3.75 15.82
N LYS B 127 -63.80 5.05 15.86
CA LYS B 127 -64.87 6.03 15.73
C LYS B 127 -65.81 5.60 14.61
N ASP B 128 -65.25 5.23 13.47
CA ASP B 128 -66.09 4.84 12.35
C ASP B 128 -67.03 3.67 12.59
N THR B 129 -66.78 2.86 13.61
CA THR B 129 -67.70 1.75 13.87
C THR B 129 -68.89 2.30 14.65
N LEU B 130 -68.60 3.05 15.72
CA LEU B 130 -69.63 3.64 16.57
C LEU B 130 -70.64 4.34 15.68
N LEU B 131 -70.11 5.14 14.76
CA LEU B 131 -70.91 5.90 13.84
C LEU B 131 -71.75 5.02 12.90
N ASP B 132 -71.18 3.95 12.37
CA ASP B 132 -71.95 3.09 11.49
C ASP B 132 -72.86 2.19 12.34
N THR B 133 -72.93 2.50 13.63
CA THR B 133 -73.76 1.76 14.58
C THR B 133 -74.88 2.68 15.00
N LEU B 134 -74.51 3.86 15.49
CA LEU B 134 -75.51 4.82 15.91
C LEU B 134 -76.41 5.07 14.71
N THR B 135 -75.82 5.26 13.55
CA THR B 135 -76.59 5.47 12.34
C THR B 135 -77.63 4.36 12.17
N LEU B 136 -77.31 3.16 12.64
CA LEU B 136 -78.25 2.08 12.53
C LEU B 136 -79.21 2.09 13.70
N GLN B 137 -78.73 2.49 14.87
CA GLN B 137 -79.59 2.55 16.05
C GLN B 137 -80.77 3.45 15.70
N LEU B 138 -80.48 4.63 15.16
CA LEU B 138 -81.53 5.55 14.76
C LEU B 138 -82.37 4.86 13.71
N LYS B 139 -81.83 4.76 12.49
CA LYS B 139 -82.56 4.10 11.40
C LYS B 139 -83.65 3.11 11.84
N ASN B 140 -83.34 2.33 12.89
CA ASN B 140 -84.27 1.34 13.41
C ASN B 140 -85.46 1.88 14.21
N LEU B 141 -85.30 2.98 14.92
CA LEU B 141 -86.43 3.52 15.65
C LEU B 141 -87.28 4.36 14.71
N LYS B 142 -86.62 5.15 13.86
CA LYS B 142 -87.32 5.99 12.91
C LYS B 142 -88.18 5.13 11.98
N LYS B 143 -88.28 3.84 12.31
CA LYS B 143 -89.10 2.93 11.56
C LYS B 143 -90.20 2.50 12.51
N VAL B 144 -89.83 2.35 13.78
CA VAL B 144 -90.78 1.98 14.82
C VAL B 144 -91.74 3.15 14.99
N MSE B 145 -91.27 4.35 14.66
CA MSE B 145 -92.11 5.53 14.78
C MSE B 145 -93.13 5.51 13.69
O MSE B 145 -94.33 5.47 13.96
CB MSE B 145 -91.26 6.80 14.67
CG MSE B 145 -90.10 6.85 15.66
SE MSE B 145 -90.65 6.62 17.52
CE MSE B 145 -90.99 4.72 17.52
N HIS B 146 -92.66 5.51 12.44
CA HIS B 146 -93.56 5.49 11.30
C HIS B 146 -94.36 4.20 11.19
N SER B 147 -94.63 3.60 12.33
CA SER B 147 -95.43 2.38 12.39
C SER B 147 -96.49 2.61 13.45
N LEU B 148 -96.06 2.74 14.70
CA LEU B 148 -97.00 2.97 15.80
C LEU B 148 -97.86 4.20 15.51
N ASP B 149 -97.33 5.37 15.85
CA ASP B 149 -98.04 6.64 15.63
C ASP B 149 -97.73 7.24 14.26
N ASP C 1 -13.86 -0.24 29.34
CA ASP C 1 -12.90 -0.86 28.38
C ASP C 1 -13.41 -2.20 27.86
N SER C 2 -12.47 -3.07 27.49
CA SER C 2 -12.79 -4.39 26.96
C SER C 2 -13.62 -4.26 25.69
N ILE C 3 -12.94 -3.96 24.60
CA ILE C 3 -13.57 -3.80 23.30
C ILE C 3 -12.93 -4.81 22.34
N MSE C 4 -13.71 -5.78 21.88
CA MSE C 4 -13.19 -6.77 20.96
C MSE C 4 -13.39 -6.38 19.50
O MSE C 4 -14.41 -6.71 18.91
CB MSE C 4 -13.85 -8.13 21.22
CG MSE C 4 -13.45 -8.83 22.51
SE MSE C 4 -14.16 -10.64 22.58
CE MSE C 4 -15.89 -10.28 23.37
N LYS C 5 -12.42 -5.68 18.92
CA LYS C 5 -12.51 -5.28 17.52
C LYS C 5 -12.29 -6.45 16.57
N ILE C 6 -13.39 -6.90 15.97
CA ILE C 6 -13.37 -8.01 15.04
C ILE C 6 -13.24 -7.51 13.60
N LEU C 7 -13.20 -8.43 12.65
CA LEU C 7 -13.07 -8.09 11.24
C LEU C 7 -13.55 -9.22 10.35
N LEU C 8 -14.72 -9.07 9.74
CA LEU C 8 -15.24 -10.10 8.85
C LEU C 8 -14.70 -9.78 7.49
N ILE C 9 -14.51 -10.82 6.68
CA ILE C 9 -14.00 -10.63 5.35
C ILE C 9 -14.64 -11.64 4.42
N GLY C 10 -14.81 -11.25 3.17
CA GLY C 10 -15.41 -12.14 2.21
C GLY C 10 -16.90 -12.16 2.32
N ASP C 11 -17.49 -11.13 2.93
CA ASP C 11 -18.94 -11.08 3.04
C ASP C 11 -19.53 -11.14 1.65
N SER C 12 -20.67 -11.80 1.52
CA SER C 12 -21.29 -11.97 0.22
C SER C 12 -22.61 -11.22 0.02
N GLY C 13 -22.53 -10.03 -0.55
CA GLY C 13 -23.72 -9.23 -0.83
C GLY C 13 -24.70 -9.04 0.31
N VAL C 14 -25.81 -8.37 0.03
CA VAL C 14 -26.83 -8.11 1.06
C VAL C 14 -27.49 -9.38 1.54
N GLY C 15 -26.98 -10.53 1.06
CA GLY C 15 -27.53 -11.81 1.46
C GLY C 15 -26.82 -12.35 2.69
N LYS C 16 -25.51 -12.17 2.74
CA LYS C 16 -24.70 -12.63 3.86
C LYS C 16 -24.05 -11.46 4.58
N SER C 17 -23.64 -10.44 3.82
CA SER C 17 -23.01 -9.25 4.38
C SER C 17 -23.90 -8.71 5.47
N CYS C 18 -25.20 -8.97 5.32
CA CYS C 18 -26.17 -8.54 6.31
C CYS C 18 -25.82 -9.27 7.59
N LEU C 19 -24.67 -9.92 7.57
CA LEU C 19 -24.15 -10.66 8.70
C LEU C 19 -24.17 -9.77 9.93
N LEU C 20 -23.91 -8.49 9.72
CA LEU C 20 -23.91 -7.54 10.83
C LEU C 20 -25.32 -7.08 11.02
N VAL C 21 -26.07 -7.08 9.93
CA VAL C 21 -27.46 -6.69 9.97
C VAL C 21 -28.11 -7.78 10.81
N ARG C 22 -27.52 -8.97 10.72
CA ARG C 22 -27.99 -10.12 11.47
C ARG C 22 -27.51 -10.04 12.90
N PHE C 23 -26.23 -9.73 13.07
CA PHE C 23 -25.65 -9.63 14.41
C PHE C 23 -26.22 -8.44 15.16
N VAL C 24 -26.54 -7.37 14.45
CA VAL C 24 -27.11 -6.19 15.08
C VAL C 24 -28.62 -6.16 14.83
N GLU C 25 -29.39 -5.79 15.85
CA GLU C 25 -30.83 -5.74 15.71
C GLU C 25 -31.26 -4.43 15.05
N ASP C 26 -30.59 -3.34 15.42
CA ASP C 26 -30.88 -2.01 14.88
C ASP C 26 -31.29 -2.04 13.43
N LYS C 27 -32.55 -1.67 13.19
CA LYS C 27 -33.09 -1.63 11.83
C LYS C 27 -32.86 -0.26 11.21
N PHE C 28 -32.41 0.69 12.03
CA PHE C 28 -32.16 2.04 11.55
C PHE C 28 -30.72 2.22 11.10
N ASN C 29 -29.92 1.17 11.23
CA ASN C 29 -28.52 1.23 10.82
C ASN C 29 -28.39 1.00 9.32
N PRO C 30 -27.89 2.01 8.60
CA PRO C 30 -27.75 1.81 7.16
C PRO C 30 -26.70 0.76 6.89
N SER C 31 -26.71 0.21 5.69
CA SER C 31 -25.74 -0.81 5.31
C SER C 31 -25.09 -0.36 4.02
N PHE C 32 -23.83 0.04 4.12
CA PHE C 32 -23.08 0.50 2.97
C PHE C 32 -22.35 -0.63 2.24
N ILE C 33 -22.15 -1.76 2.90
CA ILE C 33 -21.46 -2.88 2.26
C ILE C 33 -22.07 -3.17 0.91
N THR C 34 -23.35 -2.88 0.75
CA THR C 34 -24.02 -3.11 -0.53
C THR C 34 -23.33 -2.35 -1.64
N THR C 35 -23.49 -1.04 -1.58
CA THR C 35 -22.90 -0.13 -2.55
C THR C 35 -21.39 -0.07 -2.37
N ILE C 36 -20.97 0.53 -1.26
CA ILE C 36 -19.56 0.62 -0.91
C ILE C 36 -19.23 -0.81 -0.51
N GLY C 37 -18.01 -1.25 -0.78
CA GLY C 37 -17.69 -2.62 -0.43
C GLY C 37 -17.59 -2.92 1.05
N ILE C 38 -17.58 -1.90 1.90
CA ILE C 38 -17.42 -2.16 3.31
C ILE C 38 -18.41 -1.48 4.24
N ASP C 39 -18.29 -1.75 5.51
CA ASP C 39 -19.20 -1.17 6.50
C ASP C 39 -18.60 -1.19 7.89
N PHE C 40 -19.07 -0.29 8.76
CA PHE C 40 -18.54 -0.21 10.11
C PHE C 40 -19.57 -0.12 11.20
N LYS C 41 -19.90 -1.26 11.78
CA LYS C 41 -20.89 -1.31 12.85
C LYS C 41 -20.25 -1.66 14.19
N ILE C 42 -21.03 -1.47 15.26
CA ILE C 42 -20.57 -1.73 16.62
C ILE C 42 -21.74 -2.15 17.51
N LYS C 43 -21.56 -3.23 18.25
CA LYS C 43 -22.60 -3.70 19.15
C LYS C 43 -21.96 -3.92 20.51
N THR C 44 -22.78 -4.19 21.52
CA THR C 44 -22.25 -4.42 22.87
C THR C 44 -22.71 -5.79 23.38
N VAL C 45 -21.77 -6.53 23.95
CA VAL C 45 -22.06 -7.87 24.48
C VAL C 45 -21.13 -8.23 25.65
N ASP C 46 -21.48 -9.27 26.38
CA ASP C 46 -20.69 -9.74 27.52
C ASP C 46 -21.06 -11.17 27.89
N LYS C 53 -17.54 -4.31 24.27
CA LYS C 53 -17.76 -3.61 23.01
C LYS C 53 -17.20 -4.43 21.88
N LEU C 54 -17.59 -4.13 20.65
CA LEU C 54 -17.08 -4.88 19.52
C LEU C 54 -17.01 -4.11 18.21
N GLN C 55 -15.85 -3.55 17.91
CA GLN C 55 -15.66 -2.84 16.65
C GLN C 55 -15.70 -3.89 15.54
N LEU C 56 -16.60 -3.72 14.58
CA LEU C 56 -16.70 -4.72 13.53
C LEU C 56 -16.60 -4.16 12.11
N TRP C 57 -15.42 -4.27 11.52
CA TRP C 57 -15.18 -3.82 10.15
C TRP C 57 -15.56 -4.94 9.21
N ASP C 58 -16.71 -4.84 8.56
CA ASP C 58 -17.11 -5.89 7.64
C ASP C 58 -16.57 -5.60 6.24
N THR C 59 -15.96 -6.61 5.63
CA THR C 59 -15.36 -6.47 4.30
C THR C 59 -15.71 -7.57 3.30
N ALA C 60 -15.82 -7.20 2.03
CA ALA C 60 -16.11 -8.15 0.97
C ALA C 60 -14.85 -8.33 0.11
N GLY C 61 -13.72 -7.85 0.63
CA GLY C 61 -12.46 -7.98 -0.07
C GLY C 61 -12.25 -7.22 -1.37
N GLN C 62 -13.04 -7.54 -2.39
CA GLN C 62 -12.92 -6.91 -3.71
C GLN C 62 -13.58 -5.52 -3.81
N GLU C 63 -12.86 -4.48 -3.38
CA GLU C 63 -13.35 -3.10 -3.42
C GLU C 63 -12.28 -2.06 -3.11
N ARG C 64 -12.15 -1.09 -4.02
CA ARG C 64 -11.17 -0.02 -3.93
C ARG C 64 -10.42 0.18 -2.61
N PHE C 65 -11.14 0.29 -1.51
CA PHE C 65 -10.50 0.51 -0.20
C PHE C 65 -9.77 -0.70 0.34
N ARG C 66 -9.07 -1.39 -0.55
CA ARG C 66 -8.31 -2.58 -0.18
C ARG C 66 -7.09 -2.18 0.66
N THR C 67 -6.52 -1.03 0.32
CA THR C 67 -5.36 -0.54 1.03
C THR C 67 -5.75 -0.15 2.42
N ILE C 68 -7.06 -0.07 2.66
CA ILE C 68 -7.56 0.32 3.97
C ILE C 68 -8.04 -0.90 4.72
N THR C 69 -8.81 -1.74 4.05
CA THR C 69 -9.29 -2.94 4.72
C THR C 69 -8.06 -3.59 5.31
N THR C 70 -6.95 -3.48 4.58
CA THR C 70 -5.67 -4.05 5.00
C THR C 70 -5.24 -3.45 6.31
N ALA C 71 -5.34 -2.13 6.38
CA ALA C 71 -5.01 -1.39 7.59
C ALA C 71 -5.82 -1.92 8.76
N TYR C 72 -6.97 -2.54 8.47
CA TYR C 72 -7.80 -3.08 9.54
C TYR C 72 -7.07 -4.25 10.15
N TYR C 73 -6.46 -5.08 9.30
CA TYR C 73 -5.71 -6.26 9.74
C TYR C 73 -4.68 -5.96 10.83
N ARG C 74 -3.91 -4.90 10.64
CA ARG C 74 -2.90 -4.53 11.63
C ARG C 74 -3.56 -4.09 12.93
N GLY C 75 -4.42 -4.94 13.48
CA GLY C 75 -5.08 -4.59 14.74
C GLY C 75 -6.25 -5.48 15.13
N ALA C 76 -6.85 -6.16 14.16
CA ALA C 76 -7.98 -7.04 14.43
C ALA C 76 -7.65 -7.99 15.55
N MSE C 77 -8.63 -8.30 16.39
CA MSE C 77 -8.39 -9.23 17.48
C MSE C 77 -8.98 -10.58 17.11
O MSE C 77 -8.47 -11.63 17.51
CB MSE C 77 -9.02 -8.69 18.77
CG MSE C 77 -8.48 -7.32 19.18
SE MSE C 77 -9.09 -6.70 20.91
CE MSE C 77 -7.70 -7.46 22.02
N GLY C 78 -10.06 -10.56 16.34
CA GLY C 78 -10.68 -11.78 15.89
C GLY C 78 -10.83 -11.64 14.39
N ILE C 79 -11.20 -12.72 13.71
CA ILE C 79 -11.36 -12.67 12.26
C ILE C 79 -12.18 -13.83 11.75
N ILE C 80 -13.19 -13.55 10.94
CA ILE C 80 -13.99 -14.62 10.39
C ILE C 80 -13.82 -14.57 8.90
N LEU C 81 -13.59 -15.72 8.28
CA LEU C 81 -13.48 -15.76 6.83
C LEU C 81 -14.84 -16.31 6.43
N VAL C 82 -15.49 -15.68 5.47
CA VAL C 82 -16.81 -16.16 5.08
C VAL C 82 -16.99 -16.36 3.60
N TYR C 83 -18.01 -17.14 3.25
CA TYR C 83 -18.34 -17.43 1.86
C TYR C 83 -19.81 -17.71 1.76
N ASP C 84 -20.35 -17.55 0.56
CA ASP C 84 -21.75 -17.83 0.33
C ASP C 84 -21.81 -19.28 -0.11
N VAL C 85 -22.86 -19.98 0.27
CA VAL C 85 -23.02 -21.38 -0.08
C VAL C 85 -23.54 -21.54 -1.51
N THR C 86 -24.63 -20.83 -1.82
CA THR C 86 -25.23 -20.91 -3.15
C THR C 86 -24.28 -20.47 -4.26
N ASP C 87 -22.99 -20.37 -3.95
CA ASP C 87 -21.99 -19.96 -4.93
C ASP C 87 -20.65 -20.63 -4.66
N GLU C 88 -20.26 -21.53 -5.56
CA GLU C 88 -18.98 -22.24 -5.43
C GLU C 88 -17.82 -21.30 -5.77
N ARG C 89 -18.16 -20.09 -6.20
CA ARG C 89 -17.17 -19.09 -6.55
C ARG C 89 -16.57 -18.50 -5.27
N THR C 90 -17.44 -18.07 -4.36
CA THR C 90 -17.02 -17.50 -3.09
C THR C 90 -16.07 -18.48 -2.39
N PHE C 91 -16.53 -19.72 -2.29
CA PHE C 91 -15.77 -20.79 -1.65
C PHE C 91 -14.33 -20.76 -2.16
N THR C 92 -14.21 -20.70 -3.48
CA THR C 92 -12.90 -20.66 -4.13
C THR C 92 -12.02 -19.56 -3.54
N ASN C 93 -12.61 -18.41 -3.31
CA ASN C 93 -11.89 -17.28 -2.75
C ASN C 93 -11.37 -17.61 -1.36
N ILE C 94 -12.24 -18.21 -0.55
CA ILE C 94 -11.89 -18.58 0.82
C ILE C 94 -10.42 -18.97 0.93
N LYS C 95 -10.02 -19.91 0.08
CA LYS C 95 -8.64 -20.37 0.08
C LYS C 95 -7.72 -19.16 0.08
N GLN C 96 -7.93 -18.29 -0.90
CA GLN C 96 -7.15 -17.06 -1.07
C GLN C 96 -7.23 -16.20 0.19
N TRP C 97 -8.46 -16.01 0.68
CA TRP C 97 -8.71 -15.19 1.87
C TRP C 97 -7.73 -15.45 3.00
N PHE C 98 -7.68 -16.70 3.46
CA PHE C 98 -6.78 -17.08 4.55
C PHE C 98 -5.35 -16.68 4.21
N LYS C 99 -4.99 -16.78 2.94
CA LYS C 99 -3.66 -16.42 2.49
C LYS C 99 -3.38 -14.95 2.78
N THR C 100 -4.37 -14.11 2.53
CA THR C 100 -4.23 -12.67 2.76
C THR C 100 -4.02 -12.43 4.26
N VAL C 101 -4.93 -12.98 5.04
CA VAL C 101 -4.91 -12.85 6.49
C VAL C 101 -3.55 -13.15 7.09
N ASN C 102 -2.73 -13.93 6.38
CA ASN C 102 -1.42 -14.33 6.86
C ASN C 102 -0.36 -13.24 6.98
N GLU C 103 0.29 -12.91 5.87
CA GLU C 103 1.36 -11.92 5.90
C GLU C 103 0.98 -10.56 6.48
N HIS C 104 -0.21 -10.07 6.13
CA HIS C 104 -0.67 -8.77 6.62
C HIS C 104 -1.13 -8.77 8.07
N ALA C 105 -2.25 -9.44 8.34
CA ALA C 105 -2.79 -9.51 9.70
C ALA C 105 -1.84 -10.26 10.63
N ASN C 106 -2.38 -10.73 11.74
CA ASN C 106 -1.60 -11.46 12.74
C ASN C 106 -2.09 -12.90 12.84
N ASP C 107 -1.17 -13.86 12.78
CA ASP C 107 -1.55 -15.26 12.88
C ASP C 107 -1.70 -15.69 14.34
N GLU C 108 -1.42 -14.75 15.25
CA GLU C 108 -1.53 -15.01 16.68
C GLU C 108 -2.93 -14.70 17.20
N ALA C 109 -3.66 -13.85 16.49
CA ALA C 109 -5.02 -13.48 16.90
C ALA C 109 -6.04 -14.49 16.37
N GLN C 110 -7.03 -14.82 17.19
CA GLN C 110 -8.05 -15.80 16.82
C GLN C 110 -8.73 -15.56 15.47
N LEU C 111 -8.49 -16.50 14.57
CA LEU C 111 -9.07 -16.45 13.24
C LEU C 111 -10.28 -17.39 13.33
N LEU C 112 -11.06 -17.48 12.25
CA LEU C 112 -12.24 -18.34 12.23
C LEU C 112 -12.79 -18.38 10.81
N LEU C 113 -13.33 -19.52 10.41
CA LEU C 113 -13.92 -19.62 9.08
C LEU C 113 -15.37 -20.06 9.20
N VAL C 114 -16.24 -19.44 8.41
CA VAL C 114 -17.67 -19.75 8.39
C VAL C 114 -18.33 -19.38 7.06
N GLY C 115 -18.99 -20.34 6.44
CA GLY C 115 -19.65 -20.07 5.17
C GLY C 115 -21.04 -19.50 5.35
N ASP C 128 -21.76 -31.02 4.63
CA ASP C 128 -20.67 -31.66 5.35
C ASP C 128 -19.45 -31.80 4.44
N GLN C 129 -19.32 -30.84 3.52
CA GLN C 129 -18.20 -30.84 2.58
C GLN C 129 -17.15 -29.82 3.00
N GLY C 130 -17.56 -28.56 3.11
CA GLY C 130 -16.64 -27.50 3.50
C GLY C 130 -15.86 -27.90 4.74
N GLU C 131 -16.43 -28.80 5.53
CA GLU C 131 -15.79 -29.28 6.74
C GLU C 131 -14.38 -29.70 6.38
N ALA C 132 -14.22 -30.15 5.14
CA ALA C 132 -12.91 -30.58 4.65
C ALA C 132 -11.89 -29.45 4.83
N LEU C 133 -11.95 -28.45 3.95
CA LEU C 133 -11.03 -27.31 4.03
C LEU C 133 -11.14 -26.63 5.38
N ALA C 134 -12.16 -27.03 6.14
CA ALA C 134 -12.37 -26.47 7.47
C ALA C 134 -11.28 -26.97 8.39
N LYS C 135 -11.10 -28.28 8.42
CA LYS C 135 -10.09 -28.90 9.28
C LYS C 135 -8.70 -28.85 8.66
N GLU C 136 -8.60 -28.26 7.47
CA GLU C 136 -7.34 -28.14 6.78
C GLU C 136 -6.62 -26.84 7.17
N LEU C 137 -7.20 -26.11 8.11
CA LEU C 137 -6.61 -24.85 8.55
C LEU C 137 -6.53 -24.75 10.06
N GLY C 138 -7.04 -25.75 10.76
CA GLY C 138 -7.02 -25.72 12.21
C GLY C 138 -7.78 -24.51 12.70
N ILE C 139 -9.07 -24.47 12.37
CA ILE C 139 -9.96 -23.37 12.74
C ILE C 139 -11.40 -23.88 12.81
N PRO C 140 -12.22 -23.31 13.71
CA PRO C 140 -13.62 -23.73 13.84
C PRO C 140 -14.42 -23.59 12.55
N PHE C 141 -15.71 -23.91 12.58
CA PHE C 141 -16.54 -23.82 11.38
C PHE C 141 -18.04 -24.02 11.63
N ILE C 142 -18.85 -23.33 10.83
CA ILE C 142 -20.31 -23.42 10.94
C ILE C 142 -20.95 -23.35 9.55
N GLU C 143 -22.22 -22.97 9.46
CA GLU C 143 -22.90 -22.89 8.15
C GLU C 143 -23.73 -21.62 7.93
N SER C 144 -24.25 -21.47 6.72
CA SER C 144 -25.09 -20.34 6.37
C SER C 144 -26.47 -20.60 6.95
N SER C 145 -26.52 -20.73 8.27
CA SER C 145 -27.75 -21.01 9.00
C SER C 145 -28.85 -19.96 8.73
N ALA C 146 -28.88 -18.94 9.57
CA ALA C 146 -29.86 -17.85 9.47
C ALA C 146 -31.19 -18.26 10.09
N ASN C 151 -28.13 -19.02 17.20
CA ASN C 151 -27.68 -19.39 15.86
C ASN C 151 -26.55 -18.46 15.42
N VAL C 152 -26.90 -17.49 14.58
CA VAL C 152 -25.93 -16.52 14.08
C VAL C 152 -25.49 -15.64 15.24
N ASN C 153 -26.47 -15.24 16.05
CA ASN C 153 -26.21 -14.40 17.21
C ASN C 153 -25.17 -15.07 18.10
N GLU C 154 -25.13 -16.40 18.07
CA GLU C 154 -24.19 -17.16 18.86
C GLU C 154 -22.87 -17.39 18.13
N ILE C 155 -22.85 -17.09 16.84
CA ILE C 155 -21.65 -17.27 16.04
C ILE C 155 -20.55 -16.29 16.45
N PHE C 156 -20.94 -15.12 16.93
CA PHE C 156 -19.96 -14.15 17.37
C PHE C 156 -19.69 -14.42 18.84
N PHE C 157 -20.63 -15.11 19.47
CA PHE C 157 -20.50 -15.48 20.88
C PHE C 157 -19.29 -16.41 20.98
N THR C 158 -19.22 -17.37 20.06
CA THR C 158 -18.13 -18.34 20.01
C THR C 158 -16.81 -17.59 19.94
N LEU C 159 -16.46 -17.13 18.74
CA LEU C 159 -15.24 -16.38 18.51
C LEU C 159 -14.88 -15.55 19.71
N ALA C 160 -15.75 -14.58 20.04
CA ALA C 160 -15.54 -13.69 21.18
C ALA C 160 -15.13 -14.47 22.42
N LYS C 161 -15.88 -15.54 22.70
CA LYS C 161 -15.62 -16.39 23.86
C LYS C 161 -14.18 -16.88 23.84
N LEU C 162 -13.69 -17.24 22.66
CA LEU C 162 -12.32 -17.71 22.51
C LEU C 162 -11.40 -16.51 22.57
N ILE C 163 -11.89 -15.38 22.07
CA ILE C 163 -11.11 -14.14 22.06
C ILE C 163 -10.75 -13.76 23.48
N GLN C 164 -11.63 -14.09 24.41
CA GLN C 164 -11.38 -13.78 25.81
C GLN C 164 -10.49 -14.90 26.36
N GLU C 165 -10.66 -16.10 25.82
CA GLU C 165 -9.86 -17.25 26.23
C GLU C 165 -8.49 -17.06 25.59
N LYS C 166 -8.07 -15.80 25.57
CA LYS C 166 -6.78 -15.42 25.00
C LYS C 166 -6.05 -14.49 25.96
N ILE C 167 -6.82 -13.71 26.74
CA ILE C 167 -6.21 -12.81 27.69
C ILE C 167 -5.95 -13.56 29.00
N ASP C 168 -5.93 -14.88 28.89
CA ASP C 168 -5.67 -15.75 30.04
C ASP C 168 -4.16 -15.92 30.20
N SER C 169 -3.41 -15.41 29.22
CA SER C 169 -1.96 -15.48 29.23
C SER C 169 -1.31 -14.16 28.80
#